data_4ZAE
#
_entry.id   4ZAE
#
_cell.length_a   99.452
_cell.length_b   99.452
_cell.length_c   94.737
_cell.angle_alpha   90.00
_cell.angle_beta   90.00
_cell.angle_gamma   120.00
#
_symmetry.space_group_name_H-M   'H 3'
#
loop_
_entity.id
_entity.type
_entity.pdbx_description
1 polymer 'Coagulation factor IX'
2 polymer 'Coagulation factor IX'
3 non-polymer 2,6-dichloro-N-[(2R)-2-(5,6-dimethyl-1H-benzimidazol-2-yl)-2-phenylethyl]-4-(4H-1,2,4-triazol-4-yl)benzamide
4 non-polymer 'SODIUM ION'
5 non-polymer '2-[N-CYCLOHEXYLAMINO]ETHANE SULFONIC ACID'
6 water water
#
loop_
_entity_poly.entity_id
_entity_poly.type
_entity_poly.pdbx_seq_one_letter_code
_entity_poly.pdbx_strand_id
1 'polypeptide(L)'
;VVGGEDAKPGQFPWQVVLNGKVDAFCGGSIVNEKWIVTAAHCVETGVKITVVAGEHNIEETEHTEQKRNVIRIIPHHNYN
AAINKYNHDIALLELDEPLVLNSYVTPICIADKEYTNIFLKFGSGYVSGWGRVFHKGASALVLQYLRVPLVDRATCLRST
KFTIYNNMFCAGFHEGGRDSCQGDSGGPHVTEVEGTSFLTGIISWGEECAMKGKYGIYTKVSRYVNWIKEKTKLT
;
A
2 'polypeptide(L)' MDVTCNIKNGRCEQFCKNSADNKVVCSCTEGYRLAENQKSCEPAVPFPCGRVSVSQTSKLTR B
#
# COMPACT_ATOMS: atom_id res chain seq x y z
N VAL A 1 6.21 -11.63 -5.03
CA VAL A 1 7.39 -10.72 -5.15
C VAL A 1 8.58 -11.58 -5.59
N VAL A 2 9.24 -11.18 -6.68
CA VAL A 2 10.42 -11.84 -7.24
C VAL A 2 11.60 -10.94 -6.83
N GLY A 3 12.66 -11.56 -6.31
CA GLY A 3 13.88 -10.83 -5.96
C GLY A 3 13.77 -10.05 -4.67
N GLY A 4 12.78 -10.38 -3.85
CA GLY A 4 12.57 -9.75 -2.56
C GLY A 4 13.25 -10.50 -1.42
N GLU A 5 12.92 -10.12 -0.20
CA GLU A 5 13.46 -10.75 1.02
C GLU A 5 12.30 -11.08 1.94
N ASP A 6 12.52 -12.03 2.86
CA ASP A 6 11.55 -12.35 3.91
C ASP A 6 11.35 -11.14 4.82
N ALA A 7 10.10 -10.77 5.05
CA ALA A 7 9.82 -9.73 6.04
C ALA A 7 10.05 -10.38 7.41
N LYS A 8 10.33 -9.58 8.44
CA LYS A 8 10.33 -10.07 9.80
C LYS A 8 8.88 -9.93 10.29
N PRO A 9 8.46 -10.69 11.30
CA PRO A 9 7.10 -10.48 11.86
C PRO A 9 6.86 -9.03 12.34
N GLY A 10 5.70 -8.50 11.97
CA GLY A 10 5.31 -7.13 12.31
C GLY A 10 6.02 -6.07 11.51
N GLN A 11 6.82 -6.43 10.45
CA GLN A 11 7.53 -5.40 9.67
C GLN A 11 6.61 -4.58 8.75
N PHE A 12 5.52 -5.17 8.28
CA PHE A 12 4.51 -4.55 7.40
C PHE A 12 3.16 -4.82 8.05
N PRO A 13 2.88 -4.22 9.23
CA PRO A 13 1.67 -4.59 9.99
C PRO A 13 0.32 -4.16 9.36
N TRP A 14 0.35 -3.36 8.32
CA TRP A 14 -0.81 -2.95 7.50
C TRP A 14 -1.14 -3.96 6.42
N GLN A 15 -0.22 -4.90 6.12
CA GLN A 15 -0.45 -5.91 5.09
C GLN A 15 -1.55 -6.89 5.47
N VAL A 16 -2.46 -7.19 4.53
CA VAL A 16 -3.43 -8.28 4.69
C VAL A 16 -3.31 -9.17 3.48
N VAL A 17 -3.79 -10.38 3.61
CA VAL A 17 -3.84 -11.36 2.55
C VAL A 17 -5.30 -11.67 2.34
N LEU A 18 -5.71 -11.84 1.06
CA LEU A 18 -7.08 -12.25 0.69
C LEU A 18 -7.03 -13.73 0.25
N ASN A 19 -7.91 -14.52 0.82
CA ASN A 19 -8.00 -15.96 0.59
C ASN A 19 -9.39 -16.27 0.05
N GLY A 20 -9.47 -17.19 -0.93
CA GLY A 20 -10.71 -17.62 -1.55
C GLY A 20 -10.67 -19.11 -1.88
N LYS A 21 -10.98 -19.47 -3.14
CA LYS A 21 -10.92 -20.89 -3.59
C LYS A 21 -9.42 -21.29 -3.63
N VAL A 22 -8.57 -20.30 -3.89
CA VAL A 22 -7.11 -20.38 -3.89
C VAL A 22 -6.67 -19.44 -2.74
N ASP A 23 -5.58 -19.78 -2.02
CA ASP A 23 -5.07 -18.88 -0.96
C ASP A 23 -4.19 -17.82 -1.55
N ALA A 24 -4.03 -16.67 -0.83
CA ALA A 24 -3.13 -15.63 -1.27
C ALA A 24 -3.27 -15.30 -2.72
N PHE A 25 -4.53 -15.13 -3.18
CA PHE A 25 -4.79 -14.73 -4.56
C PHE A 25 -4.54 -13.22 -4.74
N CYS A 26 -4.57 -12.44 -3.65
CA CYS A 26 -4.34 -10.99 -3.70
C CYS A 26 -3.92 -10.51 -2.32
N GLY A 27 -3.43 -9.31 -2.28
CA GLY A 27 -3.12 -8.59 -1.06
C GLY A 27 -4.06 -7.43 -0.83
N GLY A 28 -3.84 -6.75 0.27
CA GLY A 28 -4.62 -5.60 0.70
C GLY A 28 -3.86 -4.83 1.76
N SER A 29 -4.40 -3.65 2.12
CA SER A 29 -3.80 -2.83 3.18
C SER A 29 -4.88 -2.42 4.16
N ILE A 30 -4.54 -2.32 5.45
CA ILE A 30 -5.48 -1.88 6.49
C ILE A 30 -5.62 -0.36 6.44
N VAL A 31 -6.85 0.14 6.22
CA VAL A 31 -7.16 1.59 6.26
C VAL A 31 -7.50 1.96 7.73
N ASN A 32 -8.37 1.15 8.32
CA ASN A 32 -8.73 1.25 9.73
C ASN A 32 -9.25 -0.10 10.22
N GLU A 33 -9.76 -0.16 11.46
CA GLU A 33 -10.19 -1.44 12.02
C GLU A 33 -11.34 -2.16 11.24
N LYS A 34 -12.11 -1.45 10.41
CA LYS A 34 -13.23 -2.06 9.65
C LYS A 34 -13.06 -2.06 8.13
N TRP A 35 -11.97 -1.49 7.59
CA TRP A 35 -11.81 -1.28 6.16
C TRP A 35 -10.44 -1.64 5.60
N ILE A 36 -10.45 -2.36 4.47
CA ILE A 36 -9.26 -2.78 3.71
C ILE A 36 -9.33 -2.13 2.34
N VAL A 37 -8.20 -1.69 1.81
CA VAL A 37 -8.11 -1.18 0.45
C VAL A 37 -7.31 -2.23 -0.36
N THR A 38 -7.80 -2.53 -1.54
CA THR A 38 -7.23 -3.53 -2.46
C THR A 38 -7.45 -3.10 -3.93
N ALA A 39 -7.17 -4.01 -4.90
CA ALA A 39 -7.40 -3.77 -6.31
C ALA A 39 -8.80 -4.28 -6.64
N ALA A 40 -9.50 -3.56 -7.51
CA ALA A 40 -10.86 -3.93 -7.90
C ALA A 40 -10.91 -5.23 -8.68
N HIS A 41 -9.86 -5.53 -9.46
CA HIS A 41 -9.87 -6.79 -10.23
C HIS A 41 -9.75 -8.05 -9.32
N CYS A 42 -9.28 -7.89 -8.07
CA CYS A 42 -9.17 -8.99 -7.11
C CYS A 42 -10.54 -9.45 -6.61
N VAL A 43 -11.50 -8.52 -6.56
CA VAL A 43 -12.77 -8.70 -5.89
C VAL A 43 -13.94 -8.38 -6.81
N GLU A 44 -13.77 -8.51 -8.15
CA GLU A 44 -14.79 -8.10 -9.12
C GLU A 44 -16.01 -9.04 -9.19
N THR A 45 -15.84 -10.33 -8.84
CA THR A 45 -16.95 -11.29 -8.78
C THR A 45 -17.50 -11.17 -7.34
N GLY A 46 -18.75 -11.58 -7.11
CA GLY A 46 -19.35 -11.55 -5.78
C GLY A 46 -19.03 -12.76 -4.92
N VAL A 47 -17.77 -13.26 -4.98
CA VAL A 47 -17.34 -14.45 -4.23
C VAL A 47 -16.99 -14.06 -2.80
N LYS A 48 -17.10 -15.04 -1.88
CA LYS A 48 -16.77 -14.88 -0.47
C LYS A 48 -15.26 -14.68 -0.35
N ILE A 49 -14.82 -13.65 0.35
CA ILE A 49 -13.40 -13.38 0.55
C ILE A 49 -13.13 -13.47 2.04
N THR A 50 -12.02 -14.13 2.41
CA THR A 50 -11.54 -14.13 3.79
C THR A 50 -10.30 -13.18 3.80
N VAL A 51 -10.29 -12.21 4.72
CA VAL A 51 -9.17 -11.28 4.96
C VAL A 51 -8.42 -11.78 6.19
N VAL A 52 -7.10 -11.87 6.11
CA VAL A 52 -6.26 -12.24 7.25
C VAL A 52 -5.24 -11.12 7.50
N ALA A 53 -5.36 -10.46 8.66
CA ALA A 53 -4.41 -9.44 9.12
C ALA A 53 -3.46 -10.14 10.08
N GLY A 54 -2.30 -9.54 10.34
CA GLY A 54 -1.31 -10.12 11.25
C GLY A 54 -0.69 -11.42 10.75
N GLU A 55 -0.75 -11.63 9.45
CA GLU A 55 -0.24 -12.85 8.83
C GLU A 55 1.24 -12.70 8.54
N HIS A 56 1.99 -13.82 8.59
CA HIS A 56 3.42 -13.84 8.34
C HIS A 56 3.78 -14.99 7.41
N ASN A 57 3.56 -16.22 7.88
CA ASN A 57 3.81 -17.45 7.15
C ASN A 57 2.42 -18.05 6.87
N ILE A 58 1.97 -18.01 5.62
CA ILE A 58 0.63 -18.47 5.28
C ILE A 58 0.42 -19.97 5.49
N GLU A 59 1.44 -20.80 5.77
CA GLU A 59 1.14 -22.21 6.04
C GLU A 59 1.52 -22.62 7.49
N GLU A 60 1.54 -21.67 8.43
CA GLU A 60 1.81 -21.92 9.84
C GLU A 60 0.93 -21.03 10.74
N THR A 61 0.42 -21.56 11.88
CA THR A 61 -0.37 -20.78 12.85
C THR A 61 0.60 -20.11 13.84
N GLU A 62 0.59 -18.77 13.90
CA GLU A 62 1.58 -17.97 14.66
C GLU A 62 1.03 -17.02 15.75
N HIS A 63 -0.27 -17.12 16.05
N HIS A 63 -0.28 -17.08 16.07
CA HIS A 63 -0.91 -16.38 17.12
CA HIS A 63 -0.96 -16.35 17.17
C HIS A 63 -1.47 -15.00 16.70
C HIS A 63 -1.16 -14.84 16.98
N THR A 64 -0.76 -14.26 15.86
CA THR A 64 -1.07 -12.87 15.55
C THR A 64 -2.12 -12.71 14.47
N GLU A 65 -2.47 -13.77 13.76
CA GLU A 65 -3.46 -13.68 12.68
C GLU A 65 -4.86 -13.31 13.19
N GLN A 66 -5.54 -12.40 12.51
CA GLN A 66 -6.93 -12.04 12.75
C GLN A 66 -7.67 -12.23 11.44
N LYS A 67 -8.55 -13.21 11.41
CA LYS A 67 -9.34 -13.51 10.22
C LYS A 67 -10.68 -12.80 10.31
N ARG A 68 -11.13 -12.21 9.20
CA ARG A 68 -12.43 -11.54 9.12
C ARG A 68 -13.11 -11.86 7.78
N ASN A 69 -14.44 -11.84 7.76
CA ASN A 69 -15.24 -12.00 6.53
C ASN A 69 -15.50 -10.61 5.95
N VAL A 70 -15.64 -10.53 4.63
CA VAL A 70 -15.96 -9.28 3.93
C VAL A 70 -17.47 -9.21 3.79
N ILE A 71 -18.09 -8.13 4.33
CA ILE A 71 -19.55 -7.94 4.26
C ILE A 71 -19.95 -6.98 3.15
N ARG A 72 -19.06 -6.10 2.70
CA ARG A 72 -19.37 -5.19 1.59
C ARG A 72 -18.13 -4.94 0.77
N ILE A 73 -18.28 -4.93 -0.58
CA ILE A 73 -17.20 -4.60 -1.52
C ILE A 73 -17.61 -3.28 -2.19
N ILE A 74 -16.74 -2.29 -2.14
CA ILE A 74 -16.98 -1.02 -2.81
C ILE A 74 -15.92 -0.82 -3.88
N PRO A 75 -16.14 -1.29 -5.13
CA PRO A 75 -15.21 -0.90 -6.20
C PRO A 75 -15.34 0.60 -6.45
N HIS A 76 -14.30 1.23 -6.98
CA HIS A 76 -14.40 2.66 -7.24
C HIS A 76 -15.53 2.89 -8.23
N HIS A 77 -16.35 3.95 -8.00
CA HIS A 77 -17.45 4.33 -8.88
C HIS A 77 -17.06 4.44 -10.37
N ASN A 78 -15.78 4.68 -10.72
CA ASN A 78 -15.34 4.75 -12.11
C ASN A 78 -14.81 3.42 -12.61
N TYR A 79 -14.72 2.38 -11.76
CA TYR A 79 -14.26 1.09 -12.20
C TYR A 79 -15.32 0.43 -13.09
N ASN A 80 -14.89 -0.14 -14.23
CA ASN A 80 -15.78 -0.85 -15.14
C ASN A 80 -15.00 -1.99 -15.78
N ALA A 81 -15.17 -3.21 -15.25
CA ALA A 81 -14.41 -4.36 -15.74
C ALA A 81 -14.73 -4.77 -17.16
N ALA A 82 -15.97 -4.49 -17.62
CA ALA A 82 -16.37 -4.77 -18.98
C ALA A 82 -15.56 -3.91 -19.96
N ILE A 83 -15.10 -2.70 -19.52
CA ILE A 83 -14.33 -1.81 -20.40
C ILE A 83 -12.86 -2.06 -20.19
N ASN A 84 -12.37 -1.97 -18.93
CA ASN A 84 -10.98 -2.22 -18.66
C ASN A 84 -10.84 -2.75 -17.22
N LYS A 85 -10.36 -3.98 -17.08
CA LYS A 85 -10.20 -4.63 -15.77
C LYS A 85 -9.13 -3.97 -14.90
N TYR A 86 -8.20 -3.23 -15.50
CA TYR A 86 -7.07 -2.62 -14.79
C TYR A 86 -7.05 -1.06 -14.74
N ASN A 87 -8.17 -0.36 -15.06
CA ASN A 87 -8.24 1.12 -14.96
C ASN A 87 -9.12 1.49 -13.79
N HIS A 88 -8.69 2.43 -12.93
CA HIS A 88 -9.43 2.77 -11.68
C HIS A 88 -9.52 1.49 -10.81
N ASP A 89 -8.43 0.71 -10.82
CA ASP A 89 -8.35 -0.60 -10.20
C ASP A 89 -8.18 -0.49 -8.68
N ILE A 90 -9.24 -0.08 -7.99
CA ILE A 90 -9.18 0.11 -6.54
C ILE A 90 -10.54 -0.18 -5.93
N ALA A 91 -10.53 -0.86 -4.79
CA ALA A 91 -11.75 -1.21 -4.07
C ALA A 91 -11.53 -1.20 -2.57
N LEU A 92 -12.65 -1.02 -1.87
CA LEU A 92 -12.67 -1.03 -0.41
C LEU A 92 -13.48 -2.25 0.05
N LEU A 93 -12.98 -2.93 1.07
CA LEU A 93 -13.63 -4.09 1.68
C LEU A 93 -13.99 -3.73 3.09
N GLU A 94 -15.28 -3.88 3.44
CA GLU A 94 -15.78 -3.65 4.80
C GLU A 94 -15.76 -4.98 5.53
N LEU A 95 -15.16 -5.05 6.72
CA LEU A 95 -15.05 -6.30 7.47
C LEU A 95 -16.29 -6.52 8.34
N ASP A 96 -16.63 -7.79 8.64
CA ASP A 96 -17.79 -8.14 9.48
C ASP A 96 -17.64 -7.64 10.91
N GLU A 97 -16.44 -7.79 11.50
CA GLU A 97 -16.16 -7.37 12.88
C GLU A 97 -14.84 -6.57 12.86
N PRO A 98 -14.68 -5.52 13.67
CA PRO A 98 -13.43 -4.76 13.61
C PRO A 98 -12.21 -5.57 13.98
N LEU A 99 -11.10 -5.23 13.37
CA LEU A 99 -9.80 -5.79 13.74
C LEU A 99 -9.43 -5.21 15.11
N VAL A 100 -8.58 -5.89 15.85
CA VAL A 100 -8.04 -5.43 17.13
C VAL A 100 -6.64 -4.93 16.80
N LEU A 101 -6.47 -3.61 16.82
CA LEU A 101 -5.19 -3.05 16.47
C LEU A 101 -4.12 -3.35 17.51
N ASN A 102 -2.95 -3.76 17.02
CA ASN A 102 -1.80 -4.05 17.84
C ASN A 102 -0.50 -3.91 17.01
N SER A 103 0.63 -4.34 17.54
CA SER A 103 1.92 -4.23 16.84
C SER A 103 1.99 -5.02 15.56
N TYR A 104 1.14 -6.04 15.37
CA TYR A 104 1.10 -6.84 14.16
C TYR A 104 -0.03 -6.45 13.22
N VAL A 105 -0.98 -5.66 13.69
CA VAL A 105 -2.21 -5.27 12.97
C VAL A 105 -2.36 -3.75 13.16
N THR A 106 -1.77 -3.01 12.25
CA THR A 106 -1.70 -1.55 12.34
C THR A 106 -2.09 -0.96 10.98
N PRO A 107 -2.91 0.09 10.93
CA PRO A 107 -3.21 0.71 9.62
C PRO A 107 -2.01 1.36 8.93
N ILE A 108 -2.17 1.56 7.65
CA ILE A 108 -1.20 2.33 6.85
C ILE A 108 -1.67 3.78 6.88
N CYS A 109 -0.74 4.76 6.90
CA CYS A 109 -1.19 6.15 6.88
C CYS A 109 -1.61 6.52 5.47
N ILE A 110 -2.52 7.47 5.37
CA ILE A 110 -2.99 7.98 4.10
C ILE A 110 -3.00 9.49 4.21
N ALA A 111 -2.09 10.12 3.50
CA ALA A 111 -1.97 11.58 3.44
C ALA A 111 -3.06 12.15 2.53
N ASP A 112 -3.17 13.48 2.46
CA ASP A 112 -4.10 14.14 1.53
C ASP A 112 -3.56 13.91 0.08
N LYS A 113 -4.31 14.35 -0.92
CA LYS A 113 -3.91 14.16 -2.33
C LYS A 113 -2.55 14.77 -2.68
N GLU A 114 -2.32 16.01 -2.26
CA GLU A 114 -1.08 16.71 -2.55
C GLU A 114 0.14 15.96 -1.97
N TYR A 115 0.08 15.62 -0.68
CA TYR A 115 1.20 14.94 -0.04
C TYR A 115 1.36 13.52 -0.49
N THR A 116 0.26 12.78 -0.83
CA THR A 116 0.40 11.42 -1.36
C THR A 116 1.21 11.48 -2.66
N ASN A 117 0.94 12.50 -3.49
CA ASN A 117 1.68 12.69 -4.77
C ASN A 117 3.14 13.12 -4.51
N ILE A 118 3.41 14.00 -3.53
CA ILE A 118 4.82 14.36 -3.18
C ILE A 118 5.58 13.11 -2.73
N PHE A 119 4.97 12.30 -1.84
CA PHE A 119 5.59 11.07 -1.37
C PHE A 119 5.91 10.10 -2.51
N LEU A 120 5.01 9.96 -3.48
CA LEU A 120 5.31 9.13 -4.64
C LEU A 120 6.54 9.69 -5.40
N LYS A 121 6.66 11.01 -5.45
CA LYS A 121 7.77 11.67 -6.15
C LYS A 121 9.10 11.51 -5.47
N PHE A 122 9.15 11.05 -4.19
CA PHE A 122 10.42 10.73 -3.53
C PHE A 122 11.15 9.68 -4.41
N GLY A 123 10.40 8.84 -5.09
CA GLY A 123 10.94 7.92 -6.09
C GLY A 123 11.30 6.52 -5.61
N SER A 124 10.99 6.16 -4.35
CA SER A 124 11.33 4.84 -3.84
C SER A 124 10.28 4.39 -2.85
N GLY A 125 9.66 3.26 -3.15
CA GLY A 125 8.63 2.69 -2.28
C GLY A 125 8.91 1.24 -1.98
N TYR A 126 8.19 0.72 -1.00
CA TYR A 126 8.28 -0.69 -0.62
C TYR A 126 7.01 -1.38 -1.02
N VAL A 127 7.12 -2.53 -1.66
CA VAL A 127 5.97 -3.34 -2.00
C VAL A 127 6.13 -4.62 -1.20
N SER A 128 5.01 -5.26 -0.90
CA SER A 128 5.02 -6.50 -0.12
C SER A 128 3.86 -7.42 -0.47
N GLY A 129 4.08 -8.70 -0.33
CA GLY A 129 3.04 -9.67 -0.61
C GLY A 129 3.46 -11.12 -0.58
N TRP A 130 2.48 -12.00 -0.74
CA TRP A 130 2.65 -13.45 -0.80
C TRP A 130 2.52 -13.96 -2.22
N GLY A 131 2.73 -13.09 -3.20
CA GLY A 131 2.64 -13.45 -4.60
C GLY A 131 3.76 -14.37 -5.04
N ARG A 132 3.77 -14.68 -6.31
CA ARG A 132 4.76 -15.64 -6.86
C ARG A 132 6.21 -15.12 -6.62
N VAL A 133 7.14 -16.03 -6.30
CA VAL A 133 8.55 -15.69 -6.04
C VAL A 133 9.44 -15.88 -7.28
N PHE A 134 8.87 -16.46 -8.34
CA PHE A 134 9.48 -16.52 -9.66
C PHE A 134 8.33 -16.35 -10.65
N HIS A 135 8.61 -15.85 -11.86
CA HIS A 135 7.59 -15.76 -12.92
C HIS A 135 7.11 -17.16 -13.21
N LYS A 136 5.80 -17.39 -13.04
CA LYS A 136 5.15 -18.69 -13.21
C LYS A 136 5.59 -19.72 -12.16
N GLY A 137 6.18 -19.26 -11.07
CA GLY A 137 6.65 -20.11 -9.98
C GLY A 137 5.68 -20.13 -8.81
N ALA A 138 6.12 -20.74 -7.72
CA ALA A 138 5.31 -20.88 -6.51
C ALA A 138 5.11 -19.61 -5.78
N SER A 139 4.01 -19.54 -5.02
CA SER A 139 3.71 -18.41 -4.13
C SER A 139 4.68 -18.45 -2.94
N ALA A 140 4.81 -17.32 -2.24
CA ALA A 140 5.67 -17.26 -1.06
C ALA A 140 4.93 -17.88 0.12
N LEU A 141 5.68 -18.40 1.09
CA LEU A 141 5.12 -18.87 2.34
C LEU A 141 5.26 -17.73 3.33
N VAL A 142 6.47 -17.19 3.48
CA VAL A 142 6.73 -16.05 4.33
C VAL A 142 6.56 -14.77 3.50
N LEU A 143 5.92 -13.76 4.10
CA LEU A 143 5.71 -12.45 3.46
C LEU A 143 7.03 -11.93 2.90
N GLN A 144 6.99 -11.45 1.64
CA GLN A 144 8.15 -10.90 0.96
C GLN A 144 8.01 -9.41 0.86
N TYR A 145 9.15 -8.70 0.82
CA TYR A 145 9.15 -7.28 0.56
C TYR A 145 10.31 -6.91 -0.38
N LEU A 146 10.13 -5.77 -1.02
CA LEU A 146 11.08 -5.26 -1.96
C LEU A 146 10.94 -3.72 -2.12
N ARG A 147 12.09 -3.02 -2.17
CA ARG A 147 12.14 -1.61 -2.45
C ARG A 147 12.16 -1.48 -3.97
N VAL A 148 11.24 -0.71 -4.53
CA VAL A 148 11.14 -0.48 -5.98
C VAL A 148 11.27 1.02 -6.33
N PRO A 149 12.11 1.38 -7.31
CA PRO A 149 12.20 2.78 -7.71
C PRO A 149 11.18 3.12 -8.77
N LEU A 150 10.76 4.37 -8.75
CA LEU A 150 9.81 4.88 -9.73
C LEU A 150 10.47 4.92 -11.10
N VAL A 151 9.73 4.52 -12.14
CA VAL A 151 10.22 4.48 -13.53
C VAL A 151 9.52 5.59 -14.31
N ASP A 152 10.25 6.36 -15.09
CA ASP A 152 9.63 7.47 -15.84
C ASP A 152 8.62 6.95 -16.86
N ARG A 153 7.55 7.73 -17.03
CA ARG A 153 6.40 7.40 -17.89
C ARG A 153 6.78 6.97 -19.31
N ALA A 154 7.69 7.67 -19.97
CA ALA A 154 8.06 7.31 -21.34
C ALA A 154 8.68 5.93 -21.45
N THR A 155 9.57 5.56 -20.51
CA THR A 155 10.24 4.24 -20.49
C THR A 155 9.18 3.17 -20.31
N CYS A 156 8.32 3.42 -19.37
CA CYS A 156 7.18 2.64 -18.98
C CYS A 156 6.19 2.37 -20.18
N LEU A 157 5.80 3.41 -20.93
CA LEU A 157 4.95 3.24 -22.12
C LEU A 157 5.66 2.42 -23.20
N ARG A 158 6.98 2.64 -23.39
CA ARG A 158 7.73 1.89 -24.42
C ARG A 158 7.90 0.39 -24.08
N SER A 159 7.74 0.01 -22.80
CA SER A 159 7.91 -1.37 -22.32
C SER A 159 6.74 -2.32 -22.57
N THR A 160 5.54 -1.81 -22.90
CA THR A 160 4.36 -2.68 -23.03
C THR A 160 3.43 -2.23 -24.14
N LYS A 161 2.69 -3.18 -24.73
CA LYS A 161 1.69 -2.87 -25.76
C LYS A 161 0.36 -2.37 -25.16
N PHE A 162 0.14 -2.57 -23.85
CA PHE A 162 -1.11 -2.13 -23.20
C PHE A 162 -1.04 -0.67 -22.78
N THR A 163 -2.21 -0.04 -22.61
CA THR A 163 -2.29 1.37 -22.26
C THR A 163 -2.01 1.61 -20.79
N ILE A 164 -1.25 2.67 -20.51
CA ILE A 164 -0.92 3.12 -19.15
C ILE A 164 -1.49 4.55 -19.04
N TYR A 165 -2.58 4.73 -18.27
CA TYR A 165 -3.17 6.05 -18.06
C TYR A 165 -2.49 6.75 -16.89
N ASN A 166 -2.72 8.07 -16.78
CA ASN A 166 -2.08 8.95 -15.79
C ASN A 166 -2.36 8.63 -14.33
N ASN A 167 -3.42 7.86 -14.06
CA ASN A 167 -3.71 7.34 -12.72
C ASN A 167 -2.90 6.07 -12.35
N MET A 168 -1.92 5.66 -13.20
N MET A 168 -1.96 5.63 -13.23
CA MET A 168 -1.04 4.54 -12.93
CA MET A 168 -1.04 4.50 -13.00
C MET A 168 0.40 5.00 -13.01
C MET A 168 0.39 5.03 -12.97
N PHE A 169 1.30 4.27 -12.34
CA PHE A 169 2.74 4.53 -12.38
C PHE A 169 3.45 3.20 -12.52
N CYS A 170 4.68 3.23 -13.00
CA CYS A 170 5.53 2.06 -13.18
C CYS A 170 6.68 2.12 -12.17
N ALA A 171 7.10 0.97 -11.69
CA ALA A 171 8.22 0.87 -10.77
C ALA A 171 8.89 -0.48 -11.01
N GLY A 172 10.19 -0.50 -10.77
CA GLY A 172 11.00 -1.68 -11.00
C GLY A 172 12.40 -1.33 -11.44
N PHE A 173 13.08 -2.33 -11.99
CA PHE A 173 14.49 -2.21 -12.36
C PHE A 173 14.71 -2.51 -13.82
N HIS A 174 15.57 -1.70 -14.46
CA HIS A 174 15.89 -1.84 -15.89
C HIS A 174 16.46 -3.23 -16.21
N GLU A 175 17.25 -3.82 -15.29
CA GLU A 175 17.85 -5.15 -15.50
C GLU A 175 16.94 -6.31 -15.16
N GLY A 176 15.71 -6.07 -14.70
CA GLY A 176 14.81 -7.14 -14.31
C GLY A 176 15.26 -7.75 -12.97
N GLY A 177 14.78 -8.95 -12.66
CA GLY A 177 15.11 -9.71 -11.45
C GLY A 177 14.43 -9.34 -10.14
N ARG A 178 13.77 -8.17 -10.07
CA ARG A 178 13.10 -7.67 -8.88
C ARG A 178 11.78 -7.00 -9.25
N ASP A 179 10.65 -7.55 -8.78
CA ASP A 179 9.33 -7.01 -9.14
C ASP A 179 8.25 -7.64 -8.30
N SER A 180 7.07 -7.02 -8.32
CA SER A 180 5.83 -7.62 -7.81
C SER A 180 5.42 -8.68 -8.84
N CYS A 181 4.48 -9.57 -8.51
CA CYS A 181 4.04 -10.63 -9.42
C CYS A 181 2.61 -11.03 -9.08
N GLN A 182 2.03 -11.96 -9.86
CA GLN A 182 0.67 -12.47 -9.60
C GLN A 182 0.56 -12.93 -8.15
N GLY A 183 -0.55 -12.57 -7.51
CA GLY A 183 -0.78 -12.83 -6.10
C GLY A 183 -0.44 -11.63 -5.23
N ASP A 184 0.40 -10.70 -5.71
CA ASP A 184 0.72 -9.48 -4.96
C ASP A 184 -0.31 -8.37 -5.24
N SER A 185 -1.05 -8.47 -6.34
CA SER A 185 -2.05 -7.47 -6.72
C SER A 185 -2.95 -7.10 -5.56
N GLY A 186 -3.21 -5.82 -5.41
CA GLY A 186 -4.06 -5.31 -4.34
C GLY A 186 -3.32 -4.92 -3.10
N GLY A 187 -2.07 -5.37 -2.98
CA GLY A 187 -1.22 -5.05 -1.87
C GLY A 187 -0.71 -3.63 -1.92
N PRO A 188 0.01 -3.26 -0.87
CA PRO A 188 0.50 -1.91 -0.75
C PRO A 188 1.81 -1.60 -1.44
N HIS A 189 1.93 -0.36 -1.97
CA HIS A 189 3.16 0.30 -2.36
C HIS A 189 3.22 1.47 -1.35
N VAL A 190 4.22 1.49 -0.48
CA VAL A 190 4.30 2.50 0.57
C VAL A 190 5.59 3.27 0.52
N THR A 191 5.56 4.50 0.98
CA THR A 191 6.73 5.35 1.04
C THR A 191 6.97 5.69 2.52
N GLU A 192 8.20 5.51 2.96
CA GLU A 192 8.56 5.80 4.35
C GLU A 192 8.97 7.25 4.49
N VAL A 193 8.36 7.94 5.43
CA VAL A 193 8.56 9.38 5.65
C VAL A 193 9.00 9.53 7.09
N GLU A 194 10.29 9.72 7.29
CA GLU A 194 10.88 9.87 8.63
C GLU A 194 10.36 8.76 9.58
N GLY A 195 10.34 7.53 9.09
CA GLY A 195 9.89 6.39 9.89
C GLY A 195 8.40 6.08 9.97
N THR A 196 7.55 6.83 9.26
CA THR A 196 6.12 6.57 9.17
C THR A 196 5.83 6.26 7.72
N SER A 197 5.16 5.11 7.48
CA SER A 197 4.83 4.70 6.12
C SER A 197 3.48 5.23 5.68
N PHE A 198 3.42 5.72 4.45
CA PHE A 198 2.22 6.27 3.81
C PHE A 198 1.93 5.46 2.56
N LEU A 199 0.67 5.22 2.32
CA LEU A 199 0.24 4.47 1.13
C LEU A 199 0.34 5.37 -0.10
N THR A 200 1.18 4.97 -1.06
CA THR A 200 1.41 5.74 -2.31
C THR A 200 0.92 5.02 -3.58
N GLY A 201 0.74 3.71 -3.49
CA GLY A 201 0.22 2.92 -4.60
C GLY A 201 -0.49 1.66 -4.21
N ILE A 202 -1.23 1.13 -5.16
CA ILE A 202 -1.86 -0.19 -5.03
C ILE A 202 -1.17 -1.04 -6.10
N ILE A 203 -0.69 -2.22 -5.73
CA ILE A 203 -0.07 -3.18 -6.68
C ILE A 203 -1.16 -3.58 -7.66
N SER A 204 -0.96 -3.38 -8.96
CA SER A 204 -2.02 -3.63 -9.93
C SER A 204 -1.72 -4.77 -10.87
N TRP A 205 -0.82 -4.60 -11.85
CA TRP A 205 -0.58 -5.66 -12.83
C TRP A 205 0.75 -5.58 -13.49
N GLY A 206 1.02 -6.60 -14.30
CA GLY A 206 2.20 -6.68 -15.14
C GLY A 206 2.09 -7.86 -16.09
N GLU A 207 3.17 -8.16 -16.78
CA GLU A 207 3.23 -9.25 -17.75
C GLU A 207 4.25 -10.25 -17.24
N GLU A 208 5.44 -10.40 -17.87
CA GLU A 208 6.45 -11.35 -17.41
C GLU A 208 7.13 -10.74 -16.17
N CYS A 209 6.74 -11.23 -14.98
CA CYS A 209 7.29 -10.74 -13.71
C CYS A 209 8.80 -10.73 -13.73
N ALA A 210 9.39 -9.58 -13.44
CA ALA A 210 10.83 -9.46 -13.27
C ALA A 210 11.64 -9.72 -14.54
N MET A 211 10.99 -9.78 -15.73
CA MET A 211 11.71 -9.96 -16.99
C MET A 211 12.36 -8.63 -17.33
N LYS A 212 13.62 -8.67 -17.80
CA LYS A 212 14.35 -7.47 -18.19
C LYS A 212 13.53 -6.75 -19.26
N GLY A 213 13.29 -5.48 -19.05
CA GLY A 213 12.54 -4.63 -19.96
C GLY A 213 11.09 -4.44 -19.59
N LYS A 214 10.59 -5.18 -18.58
CA LYS A 214 9.22 -5.08 -18.11
C LYS A 214 9.23 -4.45 -16.73
N TYR A 215 8.13 -3.82 -16.36
CA TYR A 215 7.97 -3.17 -15.05
C TYR A 215 6.65 -3.51 -14.47
N GLY A 216 6.55 -3.32 -13.16
CA GLY A 216 5.30 -3.51 -12.45
C GLY A 216 4.48 -2.26 -12.62
N ILE A 217 3.15 -2.41 -12.78
CA ILE A 217 2.21 -1.30 -12.94
C ILE A 217 1.36 -1.19 -11.68
N TYR A 218 1.21 0.04 -11.20
CA TYR A 218 0.61 0.37 -9.92
C TYR A 218 -0.41 1.47 -10.04
N THR A 219 -1.45 1.43 -9.20
CA THR A 219 -2.46 2.50 -9.19
C THR A 219 -1.95 3.64 -8.33
N LYS A 220 -2.04 4.88 -8.81
CA LYS A 220 -1.61 6.05 -8.03
C LYS A 220 -2.69 6.29 -6.98
N VAL A 221 -2.37 6.11 -5.69
CA VAL A 221 -3.33 6.30 -4.60
C VAL A 221 -3.80 7.76 -4.46
N SER A 222 -2.94 8.76 -4.80
CA SER A 222 -3.26 10.19 -4.67
C SER A 222 -4.62 10.58 -5.27
N ARG A 223 -4.92 10.04 -6.47
CA ARG A 223 -6.18 10.21 -7.22
C ARG A 223 -7.44 9.79 -6.42
N TYR A 224 -7.28 8.84 -5.49
CA TYR A 224 -8.40 8.21 -4.76
C TYR A 224 -8.48 8.49 -3.28
N VAL A 225 -7.52 9.26 -2.74
CA VAL A 225 -7.43 9.57 -1.32
C VAL A 225 -8.77 10.09 -0.72
N ASN A 226 -9.39 11.06 -1.37
CA ASN A 226 -10.67 11.66 -0.92
C ASN A 226 -11.78 10.62 -0.83
N TRP A 227 -11.91 9.80 -1.87
CA TRP A 227 -12.88 8.70 -1.89
C TRP A 227 -12.59 7.67 -0.76
N ILE A 228 -11.31 7.29 -0.54
CA ILE A 228 -10.98 6.35 0.55
C ILE A 228 -11.40 6.94 1.89
N LYS A 229 -11.01 8.20 2.16
CA LYS A 229 -11.33 8.86 3.42
C LYS A 229 -12.85 8.94 3.65
N GLU A 230 -13.60 9.30 2.59
CA GLU A 230 -15.06 9.41 2.67
C GLU A 230 -15.73 8.07 2.95
N LYS A 231 -15.39 7.04 2.16
CA LYS A 231 -16.02 5.73 2.27
C LYS A 231 -15.70 4.95 3.53
N THR A 232 -14.48 5.14 4.08
CA THR A 232 -13.99 4.41 5.26
C THR A 232 -14.13 5.17 6.60
N LYS A 233 -14.63 6.43 6.62
CA LYS A 233 -14.79 7.19 7.89
C LYS A 233 -15.74 6.44 8.84
N LEU A 234 -15.32 6.25 10.12
CA LEU A 234 -16.09 5.50 11.11
C LEU A 234 -16.95 6.39 12.05
N VAL B 3 12.86 29.93 5.32
CA VAL B 3 11.92 28.96 5.90
C VAL B 3 10.60 28.94 5.12
N THR B 4 10.42 27.92 4.28
CA THR B 4 9.21 27.73 3.48
C THR B 4 8.99 26.25 3.33
N CYS B 5 7.80 25.85 2.94
CA CYS B 5 7.52 24.44 2.74
C CYS B 5 8.25 23.84 1.53
N ASN B 6 8.73 24.69 0.59
CA ASN B 6 9.48 24.17 -0.57
C ASN B 6 10.89 23.73 -0.19
N ILE B 7 11.42 24.25 0.91
CA ILE B 7 12.78 23.95 1.32
C ILE B 7 12.78 22.97 2.47
N LYS B 8 13.21 21.71 2.23
CA LYS B 8 13.28 20.64 3.24
C LYS B 8 11.96 20.47 4.01
N ASN B 9 10.82 20.66 3.30
CA ASN B 9 9.47 20.57 3.86
C ASN B 9 9.25 21.49 5.07
N GLY B 10 9.94 22.64 5.11
CA GLY B 10 9.85 23.58 6.23
C GLY B 10 10.41 23.01 7.53
N ARG B 11 11.19 21.91 7.43
CA ARG B 11 11.75 21.12 8.53
C ARG B 11 10.65 20.35 9.27
N CYS B 12 9.43 20.27 8.69
CA CYS B 12 8.31 19.52 9.25
C CYS B 12 8.56 18.05 9.01
N GLU B 13 8.28 17.20 10.01
CA GLU B 13 8.46 15.76 9.83
C GLU B 13 7.48 15.17 8.79
N GLN B 14 6.21 15.59 8.82
CA GLN B 14 5.21 15.08 7.89
C GLN B 14 4.71 16.14 6.93
N PHE B 15 3.81 17.01 7.38
CA PHE B 15 3.16 18.01 6.52
C PHE B 15 3.52 19.41 6.90
N CYS B 16 3.56 20.28 5.89
CA CYS B 16 3.92 21.66 6.03
C CYS B 16 2.89 22.54 5.37
N LYS B 17 2.62 23.69 5.97
CA LYS B 17 1.73 24.72 5.44
C LYS B 17 2.45 26.08 5.61
N ASN B 18 2.50 26.89 4.56
CA ASN B 18 3.12 28.22 4.66
C ASN B 18 2.18 29.11 5.48
N SER B 19 2.73 29.91 6.39
CA SER B 19 1.90 30.78 7.24
C SER B 19 2.40 32.22 7.18
N ALA B 20 1.82 33.10 7.99
CA ALA B 20 2.18 34.52 7.97
C ALA B 20 3.59 34.82 8.41
N ASP B 21 4.12 35.99 7.99
CA ASP B 21 5.45 36.45 8.37
C ASP B 21 6.59 35.48 8.06
N ASN B 22 6.53 34.80 6.90
CA ASN B 22 7.56 33.85 6.45
C ASN B 22 7.84 32.70 7.43
N LYS B 23 6.78 32.16 7.99
CA LYS B 23 6.86 31.05 8.93
C LYS B 23 6.09 29.89 8.32
N VAL B 24 6.17 28.73 8.91
CA VAL B 24 5.42 27.57 8.44
C VAL B 24 4.67 27.01 9.65
N VAL B 25 3.64 26.20 9.38
CA VAL B 25 2.88 25.48 10.39
C VAL B 25 2.98 24.04 9.98
N CYS B 26 3.56 23.21 10.85
CA CYS B 26 3.71 21.80 10.57
C CYS B 26 2.46 21.10 11.06
N SER B 27 2.22 19.92 10.52
CA SER B 27 1.14 19.07 11.00
C SER B 27 1.44 17.60 10.73
N CYS B 28 0.58 16.75 11.26
CA CYS B 28 0.78 15.32 11.25
C CYS B 28 -0.52 14.61 10.79
N THR B 29 -0.39 13.34 10.43
CA THR B 29 -1.54 12.54 10.05
C THR B 29 -2.33 12.13 11.31
N GLU B 30 -3.50 11.54 11.12
CA GLU B 30 -4.37 11.04 12.22
C GLU B 30 -3.59 10.13 13.20
N GLY B 31 -3.83 10.28 14.49
CA GLY B 31 -3.18 9.48 15.53
C GLY B 31 -1.84 10.00 16.00
N TYR B 32 -1.36 11.11 15.41
CA TYR B 32 -0.13 11.78 15.82
C TYR B 32 -0.47 13.16 16.31
N ARG B 33 0.41 13.72 17.14
CA ARG B 33 0.32 15.06 17.72
C ARG B 33 1.56 15.80 17.28
N LEU B 34 1.41 17.09 16.96
CA LEU B 34 2.57 17.94 16.69
C LEU B 34 3.33 18.13 18.01
N ALA B 35 4.64 17.88 18.00
CA ALA B 35 5.48 17.93 19.19
C ALA B 35 5.80 19.37 19.59
N GLU B 36 6.28 19.54 20.83
CA GLU B 36 6.72 20.80 21.44
C GLU B 36 7.79 21.52 20.61
N ASN B 37 8.66 20.78 19.89
CA ASN B 37 9.68 21.40 19.02
C ASN B 37 9.01 22.03 17.74
N GLN B 38 7.68 21.84 17.56
CA GLN B 38 6.87 22.40 16.46
C GLN B 38 7.12 21.79 15.10
N LYS B 39 7.93 20.73 15.04
CA LYS B 39 8.30 20.06 13.79
C LYS B 39 8.00 18.57 13.75
N SER B 40 8.26 17.86 14.86
CA SER B 40 8.13 16.43 14.96
C SER B 40 6.71 15.97 15.23
N CYS B 41 6.44 14.72 14.87
CA CYS B 41 5.14 14.09 15.03
C CYS B 41 5.23 12.98 16.06
N GLU B 42 4.47 13.07 17.13
CA GLU B 42 4.50 12.08 18.20
C GLU B 42 3.24 11.24 18.23
N PRO B 43 3.31 9.93 18.55
CA PRO B 43 2.08 9.13 18.69
C PRO B 43 1.11 9.67 19.74
N ALA B 44 -0.15 9.71 19.39
CA ALA B 44 -1.20 10.20 20.27
C ALA B 44 -2.22 9.12 20.54
N VAL B 45 -2.02 7.90 20.00
CA VAL B 45 -2.89 6.75 20.22
C VAL B 45 -1.97 5.53 20.47
N PRO B 46 -2.49 4.42 20.99
CA PRO B 46 -1.62 3.27 21.26
C PRO B 46 -0.93 2.66 20.02
N PHE B 47 -1.62 2.58 18.86
CA PHE B 47 -1.08 1.93 17.64
C PHE B 47 -1.28 2.84 16.45
N PRO B 48 -0.46 3.90 16.36
CA PRO B 48 -0.63 4.87 15.27
C PRO B 48 -0.29 4.28 13.92
N CYS B 49 -0.94 4.79 12.87
CA CYS B 49 -0.70 4.27 11.53
C CYS B 49 0.73 4.33 11.10
N GLY B 50 1.09 3.43 10.19
CA GLY B 50 2.35 3.44 9.48
C GLY B 50 3.62 3.26 10.29
N ARG B 51 3.49 2.79 11.53
CA ARG B 51 4.62 2.63 12.42
C ARG B 51 4.91 1.17 12.64
N VAL B 52 6.19 0.84 12.61
CA VAL B 52 6.64 -0.50 12.93
C VAL B 52 6.98 -0.47 14.41
N SER B 53 6.29 -1.26 15.23
CA SER B 53 6.54 -1.31 16.68
C SER B 53 7.12 -2.62 17.17
N VAL B 54 7.02 -3.73 16.39
CA VAL B 54 7.61 -5.01 16.80
C VAL B 54 9.11 -4.86 16.67
N SER B 55 9.87 -5.41 17.63
CA SER B 55 11.33 -5.38 17.58
C SER B 55 11.78 -6.08 16.29
N GLN B 56 12.58 -5.39 15.50
CA GLN B 56 13.13 -5.94 14.27
C GLN B 56 14.56 -6.49 14.53
N THR B 57 14.90 -6.83 15.81
CA THR B 57 16.21 -7.36 16.20
C THR B 57 16.08 -8.84 16.53
#